data_2Y95
#
_entry.id   2Y95
#
_cell.length_a   1.000
_cell.length_b   1.000
_cell.length_c   1.000
_cell.angle_alpha   90.00
_cell.angle_beta   90.00
_cell.angle_gamma   90.00
#
_symmetry.space_group_name_H-M   'P 1'
#
_entity_poly.entity_id   1
_entity_poly.type   'polyribonucleotide'
_entity_poly.pdbx_seq_one_letter_code
;GGCGCAUCGGCGCC
;
_entity_poly.pdbx_strand_id   A
#